data_5MMV
#
_entry.id   5MMV
#
_cell.length_a   63.081
_cell.length_b   63.081
_cell.length_c   138.042
_cell.angle_alpha   90.00
_cell.angle_beta   90.00
_cell.angle_gamma   90.00
#
_symmetry.space_group_name_H-M   'P 43 21 2'
#
loop_
_entity.id
_entity.type
_entity.pdbx_description
1 polymer Caspase-1
2 polymer Caspase-1
3 non-polymer '(3~{S})-3-[[(3~{S})-2-[(2~{S})-3-methyl-2-(naphthalen-2-ylcarbonylamino)butanoyl]-4-oxidanyl-2-azabicyclo[2.2.2]octan-3-yl]carbonylamino]-4-oxidanyl-butanoic acid'
4 water water
#
loop_
_entity_poly.entity_id
_entity_poly.type
_entity_poly.pdbx_seq_one_letter_code
_entity_poly.pdbx_strand_id
1 'polypeptide(L)'
;MNPAMPTSSGSEGNVKLCSLEEAQRIWKQKSAEIYPIMDKSSRTRLALIICNEEFDSIPRRTGAEVDITGMTMLLQNLGY
SVDVKKNLTASDMTTELEAFAHRPEHKTSDSTFLVFMSHGIREGICGKKHSEQVPDILQLNAIFNMLNTKNCPSLKDKPK
VIIIQACRGDSPGVVWFKD
;
A
2 'polypeptide(L)'
;MAIKKAHIEKDFIAFCSSTPDNVSWRHPTMGSVFIGRLIEHMQEYACSCDVEEIFRKVRFSFEQPDGRAQMPTTERVTLT
RCFYLFPGH
;
B
#
# COMPACT_ATOMS: atom_id res chain seq x y z
N GLY A 10 16.19 -7.40 6.53
CA GLY A 10 14.84 -7.12 7.01
C GLY A 10 14.01 -8.37 7.25
N SER A 11 12.78 -8.39 6.70
CA SER A 11 11.84 -9.51 6.83
C SER A 11 11.89 -10.46 5.62
N GLU A 12 11.66 -11.78 5.87
CA GLU A 12 11.64 -12.88 4.90
C GLU A 12 10.37 -12.84 4.02
N GLY A 13 9.28 -12.30 4.59
CA GLY A 13 7.98 -12.16 3.95
C GLY A 13 7.31 -13.46 3.50
N ASN A 14 7.66 -14.61 4.17
CA ASN A 14 7.08 -15.94 3.90
C ASN A 14 5.63 -16.01 4.46
N VAL A 15 4.68 -16.43 3.60
CA VAL A 15 3.24 -16.44 3.85
C VAL A 15 2.69 -17.84 4.09
N LYS A 16 1.69 -18.00 4.97
CA LYS A 16 1.00 -19.29 5.17
C LYS A 16 0.17 -19.49 3.89
N LEU A 17 0.37 -20.62 3.22
CA LEU A 17 -0.30 -20.92 1.96
C LEU A 17 -1.69 -21.49 2.15
N CYS A 18 -2.59 -21.09 1.25
CA CYS A 18 -3.96 -21.56 1.13
C CYS A 18 -3.84 -23.00 0.59
N SER A 19 -4.58 -23.96 1.15
CA SER A 19 -4.58 -25.31 0.61
C SER A 19 -5.59 -25.33 -0.55
N LEU A 20 -5.61 -26.40 -1.36
CA LEU A 20 -6.57 -26.51 -2.47
C LEU A 20 -8.00 -26.56 -1.90
N GLU A 21 -8.18 -27.28 -0.78
CA GLU A 21 -9.43 -27.47 -0.03
C GLU A 21 -9.89 -26.15 0.61
N GLU A 22 -8.96 -25.41 1.24
CA GLU A 22 -9.21 -24.12 1.89
C GLU A 22 -9.65 -23.06 0.86
N ALA A 23 -9.02 -23.07 -0.35
CA ALA A 23 -9.34 -22.16 -1.44
C ALA A 23 -10.74 -22.44 -1.98
N GLN A 24 -11.05 -23.73 -2.23
CA GLN A 24 -12.35 -24.21 -2.72
C GLN A 24 -13.48 -23.99 -1.71
N ARG A 25 -13.15 -23.98 -0.41
CA ARG A 25 -14.09 -23.73 0.69
C ARG A 25 -14.60 -22.27 0.59
N ILE A 26 -13.69 -21.32 0.23
CA ILE A 26 -14.00 -19.89 0.04
C ILE A 26 -14.72 -19.73 -1.34
N TRP A 27 -15.88 -20.41 -1.49
CA TRP A 27 -16.73 -20.42 -2.69
C TRP A 27 -18.18 -20.76 -2.33
N SER A 31 -17.51 -17.82 -4.58
CA SER A 31 -18.71 -16.99 -4.52
C SER A 31 -18.62 -15.84 -5.53
N ALA A 32 -19.78 -15.19 -5.80
CA ALA A 32 -19.85 -14.04 -6.73
C ALA A 32 -19.56 -12.73 -5.96
N GLU A 33 -19.06 -12.86 -4.70
CA GLU A 33 -18.73 -11.75 -3.80
C GLU A 33 -17.21 -11.66 -3.51
N ILE A 34 -16.39 -12.32 -4.35
CA ILE A 34 -14.93 -12.39 -4.29
C ILE A 34 -14.34 -11.89 -5.62
N TYR A 35 -13.14 -11.26 -5.62
CA TYR A 35 -12.48 -10.88 -6.88
C TYR A 35 -11.87 -12.14 -7.49
N PRO A 36 -12.06 -12.33 -8.82
CA PRO A 36 -11.46 -13.52 -9.45
C PRO A 36 -9.93 -13.45 -9.53
N ILE A 37 -9.31 -14.62 -9.43
CA ILE A 37 -7.87 -14.79 -9.56
C ILE A 37 -7.56 -15.38 -10.96
N MET A 38 -6.49 -14.90 -11.62
CA MET A 38 -6.06 -15.43 -12.92
C MET A 38 -5.10 -16.62 -12.69
N ASP A 39 -4.90 -17.44 -13.76
CA ASP A 39 -4.02 -18.61 -13.80
C ASP A 39 -2.59 -18.26 -13.36
N LYS A 40 -2.04 -19.02 -12.40
CA LYS A 40 -0.69 -18.84 -11.83
C LYS A 40 0.44 -18.88 -12.92
N SER A 41 0.41 -19.91 -13.77
CA SER A 41 1.41 -20.11 -14.83
C SER A 41 1.46 -19.03 -15.93
N SER A 42 0.39 -18.20 -16.09
CA SER A 42 0.32 -17.18 -17.17
C SER A 42 0.06 -15.72 -16.71
N ARG A 43 -0.45 -15.50 -15.48
CA ARG A 43 -0.72 -14.14 -15.00
C ARG A 43 0.57 -13.33 -14.80
N THR A 44 0.46 -12.01 -15.02
CA THR A 44 1.61 -11.10 -14.92
C THR A 44 1.33 -10.00 -13.89
N ARG A 45 1.30 -10.40 -12.61
CA ARG A 45 1.05 -9.51 -11.47
C ARG A 45 2.19 -8.50 -11.23
N LEU A 46 1.86 -7.20 -11.17
CA LEU A 46 2.87 -6.16 -10.88
C LEU A 46 2.58 -5.43 -9.58
N ALA A 47 3.65 -4.97 -8.91
CA ALA A 47 3.60 -4.13 -7.70
C ALA A 47 4.69 -3.07 -7.83
N LEU A 48 4.40 -1.85 -7.35
CA LEU A 48 5.34 -0.75 -7.36
C LEU A 48 5.64 -0.32 -5.93
N ILE A 49 6.91 -0.04 -5.66
CA ILE A 49 7.40 0.45 -4.38
C ILE A 49 8.16 1.75 -4.65
N ILE A 50 7.64 2.86 -4.13
CA ILE A 50 8.28 4.18 -4.23
C ILE A 50 8.73 4.51 -2.79
N CYS A 51 10.06 4.62 -2.59
CA CYS A 51 10.61 4.92 -1.28
C CYS A 51 11.60 6.06 -1.33
N ASN A 52 11.25 7.16 -0.64
CA ASN A 52 12.10 8.33 -0.51
C ASN A 52 12.81 8.20 0.82
N GLU A 53 14.15 8.10 0.78
CA GLU A 53 15.01 7.98 1.97
C GLU A 53 15.84 9.25 2.18
N GLU A 54 16.49 9.73 1.11
CA GLU A 54 17.33 10.94 1.12
C GLU A 54 16.54 12.13 0.60
N PHE A 55 16.58 13.24 1.34
CA PHE A 55 15.83 14.46 1.05
C PHE A 55 16.71 15.71 1.11
N ASP A 56 16.33 16.74 0.32
CA ASP A 56 17.01 18.04 0.25
C ASP A 56 16.96 18.77 1.58
N SER A 57 15.75 19.18 2.02
CA SER A 57 15.51 20.00 3.20
C SER A 57 14.98 19.28 4.45
N ILE A 58 14.49 18.03 4.30
CA ILE A 58 13.95 17.31 5.48
C ILE A 58 14.88 16.12 5.86
N PRO A 59 14.84 15.64 7.14
CA PRO A 59 15.77 14.57 7.56
C PRO A 59 15.71 13.26 6.79
N ARG A 60 16.86 12.55 6.74
CA ARG A 60 17.04 11.25 6.09
C ARG A 60 16.22 10.17 6.82
N ARG A 61 15.55 9.30 6.06
CA ARG A 61 14.68 8.26 6.61
C ARG A 61 15.44 6.94 6.84
N THR A 62 16.45 6.98 7.72
CA THR A 62 17.28 5.84 8.11
C THR A 62 16.40 4.68 8.57
N GLY A 63 16.65 3.50 8.03
CA GLY A 63 15.88 2.29 8.32
C GLY A 63 14.89 1.93 7.24
N ALA A 64 14.74 2.81 6.22
CA ALA A 64 13.82 2.64 5.08
C ALA A 64 14.16 1.44 4.21
N GLU A 65 15.41 0.95 4.27
CA GLU A 65 15.85 -0.23 3.52
C GLU A 65 15.27 -1.52 4.12
N VAL A 66 15.03 -1.53 5.46
CA VAL A 66 14.42 -2.67 6.17
C VAL A 66 12.97 -2.82 5.67
N ASP A 67 12.26 -1.68 5.51
CA ASP A 67 10.90 -1.60 4.99
C ASP A 67 10.81 -2.07 3.53
N ILE A 68 11.76 -1.62 2.67
CA ILE A 68 11.81 -2.01 1.24
C ILE A 68 12.01 -3.53 1.15
N THR A 69 13.00 -4.08 1.91
CA THR A 69 13.32 -5.52 1.98
C THR A 69 12.06 -6.35 2.28
N GLY A 70 11.43 -6.08 3.44
CA GLY A 70 10.23 -6.77 3.89
C GLY A 70 9.05 -6.74 2.95
N MET A 71 8.69 -5.55 2.43
CA MET A 71 7.59 -5.37 1.49
C MET A 71 7.86 -6.08 0.16
N THR A 72 9.11 -5.99 -0.34
CA THR A 72 9.52 -6.64 -1.59
C THR A 72 9.42 -8.17 -1.44
N MET A 73 9.97 -8.72 -0.33
CA MET A 73 9.93 -10.16 -0.03
C MET A 73 8.50 -10.66 0.10
N LEU A 74 7.63 -9.89 0.79
CA LEU A 74 6.21 -10.27 0.95
C LEU A 74 5.48 -10.24 -0.40
N LEU A 75 5.55 -9.12 -1.13
CA LEU A 75 4.88 -8.97 -2.43
C LEU A 75 5.28 -10.03 -3.42
N GLN A 76 6.59 -10.43 -3.46
CA GLN A 76 7.04 -11.54 -4.33
C GLN A 76 6.41 -12.86 -3.94
N ASN A 77 6.33 -13.12 -2.61
CA ASN A 77 5.72 -14.34 -2.05
C ASN A 77 4.22 -14.42 -2.31
N LEU A 78 3.58 -13.25 -2.50
CA LEU A 78 2.17 -13.10 -2.87
C LEU A 78 1.96 -13.20 -4.39
N GLY A 79 3.03 -13.38 -5.16
CA GLY A 79 2.98 -13.54 -6.62
C GLY A 79 3.20 -12.31 -7.49
N TYR A 80 3.65 -11.20 -6.89
CA TYR A 80 3.90 -9.96 -7.66
C TYR A 80 5.37 -9.76 -8.03
N SER A 81 5.61 -9.26 -9.26
CA SER A 81 6.94 -8.85 -9.73
C SER A 81 7.03 -7.43 -9.20
N VAL A 82 8.06 -7.15 -8.43
CA VAL A 82 8.19 -5.88 -7.72
C VAL A 82 9.15 -4.90 -8.40
N ASP A 83 8.69 -3.66 -8.59
CA ASP A 83 9.52 -2.60 -9.11
C ASP A 83 9.79 -1.62 -7.96
N VAL A 84 11.07 -1.29 -7.73
CA VAL A 84 11.45 -0.40 -6.63
C VAL A 84 12.06 0.90 -7.21
N LYS A 85 11.43 2.05 -6.91
CA LYS A 85 11.85 3.39 -7.31
C LYS A 85 12.21 4.16 -6.04
N LYS A 86 13.40 4.79 -6.00
CA LYS A 86 13.90 5.49 -4.82
C LYS A 86 14.25 6.95 -5.06
N ASN A 87 14.04 7.82 -4.03
CA ASN A 87 14.39 9.24 -4.00
C ASN A 87 13.93 10.02 -5.25
N LEU A 88 12.64 10.33 -5.30
CA LEU A 88 11.96 11.02 -6.39
C LEU A 88 11.18 12.25 -5.91
N THR A 89 10.99 13.21 -6.82
CA THR A 89 10.20 14.42 -6.57
C THR A 89 8.72 14.05 -6.82
N ALA A 90 7.76 14.89 -6.40
CA ALA A 90 6.33 14.68 -6.61
C ALA A 90 5.98 14.54 -8.11
N SER A 91 6.74 15.26 -8.97
CA SER A 91 6.61 15.25 -10.43
C SER A 91 7.16 13.92 -10.98
N ASP A 92 8.33 13.47 -10.46
CA ASP A 92 8.95 12.19 -10.82
C ASP A 92 8.01 11.03 -10.48
N MET A 93 7.36 11.11 -9.29
CA MET A 93 6.42 10.12 -8.76
C MET A 93 5.17 10.02 -9.65
N THR A 94 4.60 11.18 -10.06
CA THR A 94 3.45 11.32 -10.96
C THR A 94 3.75 10.67 -12.35
N THR A 95 4.96 10.93 -12.92
CA THR A 95 5.39 10.37 -14.19
C THR A 95 5.58 8.84 -14.06
N GLU A 96 6.14 8.39 -12.92
CA GLU A 96 6.35 6.97 -12.61
C GLU A 96 5.00 6.22 -12.52
N LEU A 97 4.01 6.84 -11.87
CA LEU A 97 2.68 6.28 -11.70
C LEU A 97 1.93 6.22 -13.03
N GLU A 98 2.13 7.23 -13.89
CA GLU A 98 1.55 7.28 -15.23
C GLU A 98 2.09 6.11 -16.08
N ALA A 99 3.42 5.82 -15.97
CA ALA A 99 4.09 4.72 -16.68
C ALA A 99 3.60 3.38 -16.16
N PHE A 100 3.51 3.23 -14.82
CA PHE A 100 3.01 2.01 -14.17
C PHE A 100 1.58 1.66 -14.57
N ALA A 101 0.70 2.68 -14.62
CA ALA A 101 -0.69 2.57 -15.05
C ALA A 101 -0.84 2.07 -16.49
N HIS A 102 0.12 2.38 -17.38
CA HIS A 102 0.04 1.98 -18.78
C HIS A 102 0.88 0.75 -19.13
N ARG A 103 1.39 0.02 -18.11
CA ARG A 103 2.17 -1.21 -18.35
C ARG A 103 1.28 -2.33 -18.96
N PRO A 104 1.65 -2.94 -20.12
CA PRO A 104 0.76 -3.96 -20.73
C PRO A 104 0.49 -5.19 -19.86
N GLU A 105 1.38 -5.45 -18.89
CA GLU A 105 1.27 -6.56 -17.94
C GLU A 105 -0.03 -6.51 -17.08
N HIS A 106 -0.68 -5.32 -16.90
CA HIS A 106 -1.93 -5.21 -16.12
C HIS A 106 -3.14 -5.92 -16.80
N LYS A 107 -3.09 -6.05 -18.13
CA LYS A 107 -4.11 -6.73 -18.94
C LYS A 107 -4.18 -8.23 -18.62
N THR A 108 -3.03 -8.86 -18.30
CA THR A 108 -2.96 -10.28 -17.95
C THR A 108 -2.69 -10.43 -16.43
N SER A 109 -3.10 -9.41 -15.67
CA SER A 109 -3.01 -9.35 -14.20
C SER A 109 -4.45 -9.23 -13.61
N ASP A 110 -4.63 -9.65 -12.36
CA ASP A 110 -5.93 -9.64 -11.65
C ASP A 110 -5.99 -8.63 -10.51
N SER A 111 -4.88 -7.93 -10.24
CA SER A 111 -4.74 -6.99 -9.11
C SER A 111 -3.41 -6.25 -9.15
N THR A 112 -3.24 -5.26 -8.25
CA THR A 112 -2.00 -4.50 -8.09
C THR A 112 -1.84 -4.00 -6.65
N PHE A 113 -0.59 -3.68 -6.24
CA PHE A 113 -0.22 -3.06 -4.96
C PHE A 113 0.73 -1.95 -5.29
N LEU A 114 0.49 -0.78 -4.67
CA LEU A 114 1.33 0.42 -4.75
C LEU A 114 1.77 0.71 -3.32
N VAL A 115 3.08 0.78 -3.09
CA VAL A 115 3.64 1.02 -1.75
C VAL A 115 4.44 2.33 -1.78
N PHE A 116 4.02 3.31 -0.97
CA PHE A 116 4.65 4.60 -0.85
C PHE A 116 5.24 4.74 0.54
N MET A 117 6.51 5.12 0.63
CA MET A 117 7.22 5.33 1.89
C MET A 117 7.96 6.63 1.75
N SER A 118 7.67 7.60 2.64
CA SER A 118 8.28 8.94 2.61
C SER A 118 7.85 9.73 3.83
N HIS A 119 8.21 11.01 3.85
CA HIS A 119 7.70 11.93 4.85
C HIS A 119 6.36 12.39 4.26
N GLY A 120 5.53 12.98 5.11
CA GLY A 120 4.24 13.48 4.65
C GLY A 120 3.66 14.58 5.52
N ILE A 121 2.63 15.22 4.99
CA ILE A 121 1.84 16.26 5.65
C ILE A 121 0.36 15.86 5.48
N ARG A 122 -0.58 16.66 6.02
CA ARG A 122 -2.03 16.41 5.91
C ARG A 122 -2.45 16.30 4.42
N GLU A 123 -1.93 17.22 3.56
CA GLU A 123 -2.19 17.29 2.12
C GLU A 123 -1.70 16.08 1.35
N GLY A 124 -0.53 15.54 1.69
CA GLY A 124 -0.01 14.36 1.02
C GLY A 124 1.44 13.98 1.24
N ILE A 125 1.97 13.15 0.32
CA ILE A 125 3.32 12.56 0.32
C ILE A 125 4.40 13.59 -0.05
N CYS A 126 5.53 13.56 0.67
CA CYS A 126 6.66 14.46 0.37
C CYS A 126 7.57 13.87 -0.71
N GLY A 127 8.03 14.74 -1.60
CA GLY A 127 9.03 14.40 -2.61
C GLY A 127 10.39 14.72 -2.03
N LYS A 128 11.48 14.47 -2.77
CA LYS A 128 12.84 14.72 -2.24
C LYS A 128 13.18 16.21 -2.02
N LYS A 129 12.52 17.12 -2.75
CA LYS A 129 12.74 18.57 -2.74
C LYS A 129 11.83 19.38 -1.80
N HIS A 130 10.99 18.69 -0.98
CA HIS A 130 10.04 19.35 -0.08
C HIS A 130 10.70 20.16 1.04
N SER A 131 10.17 21.37 1.23
CA SER A 131 10.53 22.32 2.26
C SER A 131 9.28 23.14 2.57
N GLU A 132 9.26 23.82 3.76
CA GLU A 132 8.16 24.70 4.15
C GLU A 132 8.06 25.84 3.13
N GLN A 133 9.23 26.33 2.66
CA GLN A 133 9.38 27.40 1.67
C GLN A 133 8.89 26.97 0.27
N VAL A 134 9.43 25.85 -0.28
CA VAL A 134 9.06 25.32 -1.61
C VAL A 134 8.50 23.88 -1.49
N PRO A 135 7.16 23.70 -1.53
CA PRO A 135 6.57 22.36 -1.37
C PRO A 135 6.73 21.45 -2.57
N ASP A 136 6.90 20.16 -2.29
CA ASP A 136 7.05 19.06 -3.25
C ASP A 136 6.13 17.93 -2.71
N ILE A 137 4.84 18.04 -3.05
CA ILE A 137 3.81 17.15 -2.51
C ILE A 137 3.05 16.37 -3.59
N LEU A 138 2.94 15.05 -3.36
CA LEU A 138 2.13 14.16 -4.17
C LEU A 138 0.87 13.87 -3.33
N GLN A 139 -0.26 14.43 -3.73
CA GLN A 139 -1.54 14.23 -3.05
C GLN A 139 -2.11 12.85 -3.35
N LEU A 140 -2.85 12.28 -2.38
CA LEU A 140 -3.50 10.96 -2.49
C LEU A 140 -4.53 10.97 -3.62
N ASN A 141 -5.25 12.09 -3.78
CA ASN A 141 -6.23 12.31 -4.83
C ASN A 141 -5.61 12.12 -6.24
N ALA A 142 -4.31 12.49 -6.41
CA ALA A 142 -3.55 12.35 -7.65
C ALA A 142 -3.23 10.88 -7.94
N ILE A 143 -2.85 10.10 -6.89
CA ILE A 143 -2.57 8.66 -6.98
C ILE A 143 -3.81 7.91 -7.50
N PHE A 144 -4.99 8.18 -6.89
CA PHE A 144 -6.28 7.58 -7.30
C PHE A 144 -6.64 7.91 -8.72
N ASN A 145 -6.47 9.20 -9.12
CA ASN A 145 -6.74 9.69 -10.46
C ASN A 145 -5.89 9.02 -11.53
N MET A 146 -4.60 8.81 -11.25
N MET A 146 -4.58 8.82 -11.27
CA MET A 146 -3.67 8.17 -12.19
CA MET A 146 -3.69 8.19 -12.24
C MET A 146 -3.94 6.68 -12.37
C MET A 146 -3.92 6.68 -12.37
N LEU A 147 -4.63 6.07 -11.40
CA LEU A 147 -4.94 4.63 -11.38
C LEU A 147 -6.40 4.29 -11.64
N ASN A 148 -7.24 5.29 -11.87
CA ASN A 148 -8.67 5.16 -12.10
C ASN A 148 -8.98 4.52 -13.48
N THR A 149 -10.25 4.12 -13.72
CA THR A 149 -10.73 3.45 -14.93
C THR A 149 -10.36 4.18 -16.22
N LYS A 150 -10.34 5.51 -16.17
CA LYS A 150 -10.03 6.37 -17.31
C LYS A 150 -8.54 6.33 -17.64
N ASN A 151 -7.67 6.54 -16.61
CA ASN A 151 -6.21 6.61 -16.77
C ASN A 151 -5.50 5.26 -16.76
N CYS A 152 -6.17 4.24 -16.22
CA CYS A 152 -5.69 2.88 -16.12
C CYS A 152 -6.86 1.92 -16.45
N PRO A 153 -7.28 1.82 -17.75
CA PRO A 153 -8.37 0.90 -18.09
C PRO A 153 -8.02 -0.58 -17.90
N SER A 154 -6.73 -0.94 -17.96
CA SER A 154 -6.27 -2.33 -17.77
C SER A 154 -6.52 -2.84 -16.33
N LEU A 155 -6.71 -1.94 -15.34
CA LEU A 155 -6.99 -2.39 -13.97
C LEU A 155 -8.46 -2.28 -13.61
N LYS A 156 -9.34 -2.09 -14.61
CA LYS A 156 -10.80 -1.99 -14.44
C LYS A 156 -11.36 -3.26 -13.81
N ASP A 157 -12.13 -3.10 -12.71
CA ASP A 157 -12.79 -4.17 -11.97
C ASP A 157 -11.80 -5.06 -11.21
N LYS A 158 -10.53 -4.60 -11.07
CA LYS A 158 -9.48 -5.36 -10.40
C LYS A 158 -9.06 -4.61 -9.17
N PRO A 159 -8.86 -5.29 -8.01
CA PRO A 159 -8.50 -4.52 -6.79
C PRO A 159 -7.14 -3.79 -6.89
N LYS A 160 -7.10 -2.54 -6.42
CA LYS A 160 -5.90 -1.68 -6.42
C LYS A 160 -5.62 -1.32 -4.96
N VAL A 161 -4.62 -1.99 -4.36
CA VAL A 161 -4.24 -1.80 -2.97
C VAL A 161 -3.11 -0.75 -2.86
N ILE A 162 -3.36 0.36 -2.16
CA ILE A 162 -2.38 1.42 -1.96
C ILE A 162 -1.96 1.40 -0.46
N ILE A 163 -0.65 1.40 -0.19
CA ILE A 163 -0.10 1.34 1.17
C ILE A 163 0.76 2.57 1.31
N ILE A 164 0.50 3.37 2.37
CA ILE A 164 1.21 4.61 2.61
C ILE A 164 1.89 4.60 3.98
N GLN A 165 3.23 4.55 3.98
CA GLN A 165 4.00 4.70 5.21
C GLN A 165 4.53 6.10 5.12
N ALA A 166 3.93 6.99 5.90
CA ALA A 166 4.26 8.41 5.96
C ALA A 166 3.56 9.07 7.13
N CYS A 167 4.15 10.15 7.68
CA CYS A 167 3.52 11.01 8.69
C CYS A 167 2.37 11.71 7.95
N ARG A 168 1.35 12.16 8.65
CA ARG A 168 0.29 12.88 8.03
C ARG A 168 0.14 14.25 8.66
N GLY A 169 1.26 14.70 9.14
CA GLY A 169 1.46 15.94 9.86
C GLY A 169 2.42 15.69 11.00
N ASP A 170 2.62 16.67 11.87
CA ASP A 170 3.58 16.55 12.96
C ASP A 170 2.96 16.50 14.36
N SER A 171 1.66 16.17 14.46
CA SER A 171 0.99 16.08 15.76
C SER A 171 1.23 14.70 16.41
N PRO A 172 1.28 14.59 17.76
CA PRO A 172 1.56 13.28 18.38
C PRO A 172 0.45 12.22 18.27
N GLY A 173 -0.74 12.61 17.81
CA GLY A 173 -1.87 11.71 17.62
C GLY A 173 -2.54 11.29 18.91
N VAL A 174 -2.27 12.03 19.99
CA VAL A 174 -2.83 11.77 21.30
C VAL A 174 -3.50 12.99 21.94
N VAL A 175 -4.36 12.69 22.90
CA VAL A 175 -5.00 13.60 23.81
C VAL A 175 -4.66 13.00 25.19
N TRP A 176 -4.32 13.86 26.15
CA TRP A 176 -3.95 13.47 27.51
C TRP A 176 -5.14 13.51 28.44
N PHE A 177 -5.24 12.50 29.29
CA PHE A 177 -6.28 12.39 30.31
C PHE A 177 -5.69 12.28 31.70
N LYS A 178 -6.42 12.77 32.71
CA LYS A 178 -5.99 12.69 34.10
C LYS A 178 -6.08 11.23 34.58
N ILE B 3 -21.53 3.60 -27.25
CA ILE B 3 -20.68 3.72 -26.06
C ILE B 3 -21.37 3.23 -24.79
N LYS B 4 -20.58 2.59 -23.90
CA LYS B 4 -20.99 2.02 -22.62
C LYS B 4 -20.24 2.71 -21.47
N LYS B 5 -20.95 3.05 -20.38
CA LYS B 5 -20.35 3.70 -19.21
C LYS B 5 -19.76 2.70 -18.19
N ALA B 6 -18.74 3.15 -17.49
CA ALA B 6 -18.11 2.36 -16.43
C ALA B 6 -17.89 3.34 -15.29
N HIS B 7 -17.87 2.86 -14.02
CA HIS B 7 -17.57 3.71 -12.88
C HIS B 7 -16.13 4.23 -13.09
N ILE B 8 -15.91 5.55 -12.96
CA ILE B 8 -14.57 6.14 -13.08
C ILE B 8 -13.65 5.71 -11.93
N GLU B 9 -14.23 5.47 -10.74
CA GLU B 9 -13.45 5.06 -9.58
C GLU B 9 -14.14 3.90 -8.84
N LYS B 10 -13.50 2.72 -8.89
CA LYS B 10 -13.98 1.51 -8.25
C LYS B 10 -12.81 0.59 -7.95
N ASP B 11 -13.00 -0.33 -6.99
CA ASP B 11 -12.07 -1.39 -6.57
C ASP B 11 -10.76 -0.87 -5.97
N PHE B 12 -10.82 0.20 -5.20
CA PHE B 12 -9.62 0.73 -4.55
C PHE B 12 -9.75 0.53 -3.06
N ILE B 13 -8.60 0.58 -2.39
CA ILE B 13 -8.42 0.56 -0.94
C ILE B 13 -7.04 1.18 -0.69
N ALA B 14 -6.97 2.20 0.18
CA ALA B 14 -5.73 2.83 0.60
C ALA B 14 -5.61 2.59 2.12
N PHE B 15 -4.40 2.31 2.59
CA PHE B 15 -4.15 2.05 3.99
C PHE B 15 -2.91 2.83 4.39
N CYS B 16 -3.13 3.89 5.21
CA CYS B 16 -2.14 4.84 5.75
C CYS B 16 -1.70 4.41 7.15
N SER B 17 -0.44 4.75 7.50
CA SER B 17 0.23 4.38 8.75
C SER B 17 -0.31 5.05 10.01
N SER B 18 -0.97 6.21 9.88
CA SER B 18 -1.52 6.98 11.00
C SER B 18 -2.76 7.78 10.57
N THR B 19 -3.36 8.56 11.49
CA THR B 19 -4.56 9.35 11.19
C THR B 19 -4.22 10.75 10.65
N PRO B 20 -5.15 11.40 9.88
CA PRO B 20 -4.88 12.78 9.40
C PRO B 20 -4.37 13.74 10.48
N ASP B 21 -3.27 14.50 10.18
CA ASP B 21 -2.53 15.47 11.01
C ASP B 21 -1.47 14.83 11.93
N ASN B 22 -1.44 13.51 12.03
CA ASN B 22 -0.61 12.82 13.02
C ASN B 22 0.60 12.10 12.50
N VAL B 23 1.58 11.91 13.40
CA VAL B 23 2.85 11.23 13.09
C VAL B 23 2.72 9.71 12.98
N SER B 24 3.67 9.10 12.26
CA SER B 24 3.91 7.66 12.12
C SER B 24 5.28 7.42 12.65
N TRP B 25 5.56 6.21 13.14
CA TRP B 25 6.85 5.97 13.75
C TRP B 25 7.70 5.00 12.99
N ARG B 26 9.02 5.23 13.04
CA ARG B 26 10.03 4.41 12.39
C ARG B 26 11.25 4.24 13.30
N HIS B 27 11.63 2.98 13.55
CA HIS B 27 12.85 2.67 14.29
C HIS B 27 14.01 2.93 13.29
N PRO B 28 15.07 3.69 13.70
CA PRO B 28 16.14 4.05 12.74
C PRO B 28 16.96 2.89 12.16
N THR B 29 17.00 1.71 12.82
CA THR B 29 17.71 0.54 12.29
C THR B 29 16.77 -0.63 11.96
N MET B 30 15.61 -0.71 12.65
CA MET B 30 14.65 -1.82 12.50
C MET B 30 13.45 -1.55 11.56
N GLY B 31 13.32 -0.32 11.06
CA GLY B 31 12.25 0.05 10.14
C GLY B 31 10.97 0.59 10.75
N SER B 32 9.96 0.82 9.90
CA SER B 32 8.65 1.35 10.28
C SER B 32 7.78 0.33 10.98
N VAL B 33 7.01 0.81 11.98
CA VAL B 33 6.15 0.00 12.85
C VAL B 33 4.95 -0.54 12.06
N PHE B 34 4.25 0.35 11.33
CA PHE B 34 3.12 0.01 10.50
C PHE B 34 3.53 -1.00 9.42
N ILE B 35 4.72 -0.83 8.83
CA ILE B 35 5.23 -1.74 7.79
C ILE B 35 5.49 -3.15 8.40
N GLY B 36 6.15 -3.20 9.57
CA GLY B 36 6.42 -4.46 10.27
C GLY B 36 5.16 -5.25 10.61
N ARG B 37 4.10 -4.55 11.09
CA ARG B 37 2.79 -5.13 11.48
C ARG B 37 2.00 -5.58 10.28
N LEU B 38 1.97 -4.79 9.23
CA LEU B 38 1.24 -5.15 8.00
C LEU B 38 1.84 -6.44 7.43
N ILE B 39 3.18 -6.54 7.36
CA ILE B 39 3.87 -7.76 6.87
C ILE B 39 3.46 -8.99 7.70
N GLU B 40 3.57 -8.91 9.03
CA GLU B 40 3.20 -9.98 9.96
C GLU B 40 1.76 -10.50 9.84
N HIS B 41 0.78 -9.59 9.75
CA HIS B 41 -0.63 -9.92 9.65
C HIS B 41 -0.93 -10.47 8.27
N MET B 42 -0.15 -10.05 7.24
CA MET B 42 -0.32 -10.56 5.87
C MET B 42 0.19 -11.99 5.80
N GLN B 43 1.36 -12.28 6.39
CA GLN B 43 1.97 -13.63 6.44
C GLN B 43 0.99 -14.62 7.07
N GLU B 44 0.43 -14.26 8.24
CA GLU B 44 -0.49 -15.02 9.05
C GLU B 44 -1.91 -15.17 8.50
N TYR B 45 -2.49 -14.08 7.91
CA TYR B 45 -3.90 -14.08 7.51
C TYR B 45 -4.22 -14.03 6.01
N ALA B 46 -3.26 -13.85 5.08
CA ALA B 46 -3.57 -13.82 3.62
C ALA B 46 -4.34 -15.06 3.17
N CYS B 47 -4.07 -16.20 3.81
CA CYS B 47 -4.67 -17.51 3.60
C CYS B 47 -6.18 -17.57 3.95
N SER B 48 -6.59 -17.03 5.12
CA SER B 48 -7.98 -17.15 5.56
C SER B 48 -8.83 -15.86 5.60
N CYS B 49 -8.21 -14.68 5.44
CA CYS B 49 -8.96 -13.42 5.51
C CYS B 49 -8.80 -12.60 4.23
N ASP B 50 -9.84 -11.80 3.87
CA ASP B 50 -9.76 -10.87 2.75
C ASP B 50 -8.91 -9.66 3.23
N VAL B 51 -8.26 -8.91 2.32
CA VAL B 51 -7.34 -7.81 2.68
C VAL B 51 -8.01 -6.73 3.57
N GLU B 52 -9.33 -6.44 3.37
CA GLU B 52 -10.10 -5.49 4.18
C GLU B 52 -10.13 -5.98 5.66
N GLU B 53 -10.29 -7.30 5.88
CA GLU B 53 -10.24 -7.91 7.22
C GLU B 53 -8.84 -7.85 7.82
N ILE B 54 -7.79 -7.99 6.97
CA ILE B 54 -6.39 -7.95 7.45
C ILE B 54 -6.03 -6.53 7.95
N PHE B 55 -6.41 -5.51 7.20
CA PHE B 55 -6.19 -4.10 7.54
C PHE B 55 -6.83 -3.71 8.87
N ARG B 56 -8.01 -4.29 9.18
CA ARG B 56 -8.76 -4.13 10.42
C ARG B 56 -7.95 -4.74 11.56
N LYS B 57 -7.47 -5.99 11.36
CA LYS B 57 -6.61 -6.72 12.30
C LYS B 57 -5.34 -5.91 12.59
N VAL B 58 -4.70 -5.30 11.54
CA VAL B 58 -3.54 -4.43 11.75
C VAL B 58 -3.92 -3.22 12.67
N ARG B 59 -5.07 -2.54 12.37
CA ARG B 59 -5.50 -1.41 13.21
C ARG B 59 -5.70 -1.85 14.67
N PHE B 60 -6.28 -3.09 14.88
CA PHE B 60 -6.50 -3.66 16.20
C PHE B 60 -5.21 -3.76 17.01
N SER B 61 -4.08 -4.11 16.37
CA SER B 61 -2.79 -4.25 17.05
C SER B 61 -2.24 -2.93 17.59
N PHE B 62 -2.77 -1.80 17.09
CA PHE B 62 -2.35 -0.46 17.51
C PHE B 62 -3.30 0.15 18.55
N GLU B 63 -4.48 -0.48 18.79
CA GLU B 63 -5.54 -0.06 19.71
C GLU B 63 -5.02 0.51 21.07
N GLN B 64 -4.10 -0.20 21.75
CA GLN B 64 -3.52 0.31 23.02
C GLN B 64 -2.43 1.36 22.75
N PRO B 65 -2.62 2.64 23.16
CA PRO B 65 -1.55 3.62 22.93
C PRO B 65 -0.39 3.40 23.91
N ASP B 66 0.71 2.81 23.42
CA ASP B 66 1.88 2.48 24.24
C ASP B 66 3.12 3.23 23.77
N GLY B 67 3.40 4.36 24.43
CA GLY B 67 4.55 5.22 24.15
C GLY B 67 4.45 5.98 22.84
N ARG B 68 4.73 5.29 21.72
CA ARG B 68 4.69 5.86 20.38
C ARG B 68 3.35 5.53 19.75
N ALA B 69 2.30 6.27 20.14
CA ALA B 69 0.95 6.01 19.64
C ALA B 69 0.74 6.41 18.17
N GLN B 70 0.05 5.55 17.42
CA GLN B 70 -0.35 5.75 16.03
C GLN B 70 -1.55 4.89 15.69
N MET B 71 -2.42 5.41 14.84
CA MET B 71 -3.61 4.69 14.45
C MET B 71 -3.72 4.60 12.96
N PRO B 72 -3.29 3.47 12.36
CA PRO B 72 -3.45 3.30 10.90
C PRO B 72 -4.91 3.42 10.47
N THR B 73 -5.15 4.04 9.31
CA THR B 73 -6.53 4.22 8.85
C THR B 73 -6.70 3.81 7.39
N THR B 74 -7.85 3.17 7.14
CA THR B 74 -8.22 2.75 5.78
C THR B 74 -9.00 3.92 5.15
N GLU B 75 -8.61 4.28 3.92
CA GLU B 75 -9.14 5.44 3.23
C GLU B 75 -9.72 5.10 1.89
N ARG B 76 -10.71 5.92 1.43
CA ARG B 76 -11.32 5.90 0.09
C ARG B 76 -11.51 4.47 -0.48
N VAL B 77 -12.31 3.65 0.24
CA VAL B 77 -12.58 2.25 -0.06
C VAL B 77 -13.76 2.11 -0.99
N THR B 78 -13.48 1.55 -2.19
CA THR B 78 -14.47 1.26 -3.23
C THR B 78 -14.41 -0.23 -3.61
N LEU B 79 -13.85 -1.08 -2.72
CA LEU B 79 -13.82 -2.54 -2.93
C LEU B 79 -15.26 -3.04 -2.81
N THR B 80 -15.77 -3.65 -3.90
CA THR B 80 -17.16 -4.12 -3.99
C THR B 80 -17.25 -5.57 -3.61
N ARG B 81 -16.11 -6.25 -3.67
CA ARG B 81 -15.98 -7.67 -3.40
C ARG B 81 -14.93 -7.90 -2.36
N CYS B 82 -14.81 -9.16 -1.91
CA CYS B 82 -13.79 -9.58 -0.95
C CYS B 82 -12.54 -9.88 -1.72
N PHE B 83 -11.43 -9.26 -1.35
CA PHE B 83 -10.18 -9.55 -2.01
C PHE B 83 -9.37 -10.58 -1.19
N TYR B 84 -9.49 -11.85 -1.60
CA TYR B 84 -8.74 -12.98 -1.05
C TYR B 84 -7.53 -13.15 -1.93
N LEU B 85 -6.37 -13.16 -1.32
CA LEU B 85 -5.09 -13.28 -2.02
C LEU B 85 -4.80 -14.67 -2.55
N PHE B 86 -5.41 -15.73 -1.94
CA PHE B 86 -5.21 -17.14 -2.28
C PHE B 86 -3.71 -17.48 -2.42
N PRO B 87 -2.89 -17.26 -1.35
CA PRO B 87 -1.45 -17.56 -1.47
C PRO B 87 -1.19 -19.04 -1.76
N GLY B 88 -0.38 -19.31 -2.79
CA GLY B 88 -0.07 -20.67 -3.23
C GLY B 88 -0.81 -21.06 -4.50
N HIS B 89 -1.73 -20.19 -4.95
CA HIS B 89 -2.53 -20.33 -6.16
C HIS B 89 -2.43 -19.03 -6.95
#